data_3W5Q
#
_entry.id   3W5Q
#
_cell.length_a   153.799
_cell.length_b   42.339
_cell.length_c   41.546
_cell.angle_alpha   90.00
_cell.angle_beta   96.38
_cell.angle_gamma   90.00
#
_symmetry.space_group_name_H-M   'C 1 2 1'
#
loop_
_entity.id
_entity.type
_entity.pdbx_description
1 polymer 'Vitamin D3 receptor'
2 polymer 'Mediator of RNA polymerase II transcription subunit 1'
3 non-polymer '(5beta,9beta)-3-oxocholan-24-oic acid'
4 water water
#
loop_
_entity_poly.entity_id
_entity_poly.type
_entity_poly.pdbx_seq_one_letter_code
_entity_poly.pdbx_strand_id
1 'polypeptide(L)'
;GSHMGSPNSPLKDSLRPKLSEEQQHIIAILLDAHHKTYDPTYADFRDFRPPVRMDGSTGSVTLDLSPLSMLPHLADLVSY
SIQKVIGFAKMIPGFRDLTSDDQIVLLKSSAIEVIMLRSNQSFTMDDMSWDCGSQDYKYDVTDVSKAGHTLELIEPLIKF
QVGLKKLNLHEEEHVLLMAICIVSPDRPGVQDAKLVEAIQDRLSNTLQTYIRCRHPPPGSHQLYAKMIQKLADLRSLNEE
HSKQYRSLSFQPENSMKLTPLVLEVFGNEIS
;
A
2 'polypeptide(L)' KNHPMLMNLLKDN C
#
loop_
_chem_comp.id
_chem_comp.type
_chem_comp.name
_chem_comp.formula
3KL non-polymer '(5beta,9beta)-3-oxocholan-24-oic acid' 'C24 H38 O3'
#
# COMPACT_ATOMS: atom_id res chain seq x y z
N LYS A 18 -22.84 -17.77 -5.23
CA LYS A 18 -23.19 -16.32 -5.18
C LYS A 18 -22.63 -15.66 -3.93
N LEU A 19 -22.78 -14.34 -3.86
CA LEU A 19 -22.31 -13.54 -2.73
C LEU A 19 -23.11 -13.79 -1.45
N SER A 20 -22.54 -14.57 -0.54
CA SER A 20 -23.21 -14.87 0.72
C SER A 20 -23.37 -13.58 1.55
N GLU A 21 -23.99 -13.71 2.72
CA GLU A 21 -24.17 -12.56 3.61
C GLU A 21 -22.83 -12.16 4.21
N GLU A 22 -22.00 -13.16 4.50
CA GLU A 22 -20.69 -12.92 5.08
C GLU A 22 -19.81 -12.17 4.09
N GLN A 23 -19.85 -12.59 2.83
CA GLN A 23 -19.04 -11.94 1.81
C GLN A 23 -19.46 -10.49 1.59
N GLN A 24 -20.76 -10.24 1.58
CA GLN A 24 -21.26 -8.87 1.40
C GLN A 24 -20.87 -8.05 2.62
N HIS A 25 -20.81 -8.72 3.77
CA HIS A 25 -20.45 -8.07 5.03
C HIS A 25 -18.99 -7.63 4.95
N ILE A 26 -18.14 -8.54 4.49
CA ILE A 26 -16.71 -8.28 4.35
C ILE A 26 -16.49 -7.07 3.46
N ILE A 27 -17.19 -7.01 2.32
CA ILE A 27 -17.05 -5.89 1.41
C ILE A 27 -17.47 -4.57 2.02
N ALA A 28 -18.57 -4.57 2.77
CA ALA A 28 -19.05 -3.36 3.44
C ALA A 28 -17.98 -2.91 4.42
N ILE A 29 -17.45 -3.85 5.18
CA ILE A 29 -16.41 -3.52 6.15
C ILE A 29 -15.17 -2.95 5.48
N LEU A 30 -14.67 -3.61 4.43
CA LEU A 30 -13.47 -3.12 3.74
C LEU A 30 -13.67 -1.74 3.09
N LEU A 31 -14.87 -1.48 2.58
CA LEU A 31 -15.15 -0.18 1.97
C LEU A 31 -15.15 0.94 3.00
N ASP A 32 -15.70 0.66 4.19
CA ASP A 32 -15.75 1.66 5.24
C ASP A 32 -14.37 1.90 5.81
N ALA A 33 -13.60 0.82 6.00
CA ALA A 33 -12.24 0.93 6.54
C ALA A 33 -11.39 1.86 5.67
N HIS A 34 -11.54 1.70 4.36
CA HIS A 34 -10.81 2.50 3.39
C HIS A 34 -11.28 3.96 3.48
N HIS A 35 -12.59 4.14 3.48
CA HIS A 35 -13.14 5.49 3.55
C HIS A 35 -12.65 6.24 4.79
N LYS A 36 -12.33 5.50 5.84
CA LYS A 36 -11.86 6.08 7.09
C LYS A 36 -10.34 6.26 7.14
N THR A 37 -9.63 5.67 6.19
CA THR A 37 -8.18 5.77 6.17
C THR A 37 -7.57 6.41 4.93
N TYR A 38 -8.41 6.68 3.93
CA TYR A 38 -7.93 7.33 2.71
C TYR A 38 -8.76 8.58 2.44
N ASP A 39 -8.14 9.73 2.72
CA ASP A 39 -8.77 11.03 2.55
C ASP A 39 -8.57 11.56 1.14
N PRO A 40 -9.63 11.48 0.31
CA PRO A 40 -9.54 11.95 -1.08
C PRO A 40 -9.47 13.47 -1.18
N THR A 41 -9.39 14.16 -0.06
CA THR A 41 -9.27 15.62 -0.07
C THR A 41 -7.84 15.99 0.28
N TYR A 42 -7.08 14.98 0.74
CA TYR A 42 -5.68 15.14 1.10
C TYR A 42 -5.38 16.35 1.99
N ALA A 43 -6.31 16.68 2.88
CA ALA A 43 -6.14 17.83 3.76
C ALA A 43 -4.93 17.77 4.70
N ASP A 44 -4.52 16.57 5.09
CA ASP A 44 -3.37 16.43 5.99
C ASP A 44 -2.01 16.64 5.37
N PHE A 45 -1.94 16.62 4.04
CA PHE A 45 -0.65 16.81 3.35
C PHE A 45 0.00 18.13 3.71
N ARG A 46 -0.81 19.08 4.16
CA ARG A 46 -0.31 20.39 4.55
C ARG A 46 0.57 20.31 5.80
N ASP A 47 0.37 19.26 6.60
CA ASP A 47 1.15 19.06 7.82
C ASP A 47 2.56 18.54 7.58
N PHE A 48 2.81 18.00 6.39
CA PHE A 48 4.13 17.44 6.06
C PHE A 48 5.16 18.54 5.82
N ARG A 49 6.43 18.18 5.93
CA ARG A 49 7.49 19.15 5.64
C ARG A 49 7.23 19.50 4.17
N PRO A 50 7.35 20.79 3.81
CA PRO A 50 7.13 21.27 2.44
C PRO A 50 7.91 20.58 1.33
N PRO A 51 7.31 20.50 0.14
CA PRO A 51 7.99 19.87 -0.99
C PRO A 51 8.94 20.90 -1.60
N VAL A 52 10.06 20.43 -2.14
CA VAL A 52 11.01 21.32 -2.76
C VAL A 52 11.39 20.80 -4.14
N ARG A 53 10.86 21.46 -5.17
CA ARG A 53 11.15 21.10 -6.55
C ARG A 53 12.09 22.16 -7.12
N MET A 54 13.34 21.80 -7.37
CA MET A 54 14.29 22.75 -7.91
C MET A 54 14.61 22.51 -9.39
N SER A 66 19.12 18.02 -8.00
CA SER A 66 18.26 17.97 -6.78
C SER A 66 18.87 17.08 -5.69
N PRO A 67 19.39 17.70 -4.62
CA PRO A 67 20.00 17.01 -3.49
C PRO A 67 18.98 16.37 -2.55
N LEU A 68 18.12 15.50 -3.10
CA LEU A 68 17.10 14.83 -2.29
C LEU A 68 16.12 15.88 -1.78
N SER A 69 15.87 16.90 -2.59
CA SER A 69 14.98 17.98 -2.19
C SER A 69 13.56 17.54 -1.82
N MET A 70 13.11 16.42 -2.38
CA MET A 70 11.76 15.92 -2.11
C MET A 70 11.65 14.87 -1.00
N LEU A 71 12.79 14.45 -0.45
CA LEU A 71 12.80 13.45 0.60
C LEU A 71 12.04 13.85 1.87
N PRO A 72 12.32 15.05 2.42
CA PRO A 72 11.59 15.45 3.62
C PRO A 72 10.07 15.35 3.43
N HIS A 73 9.56 15.92 2.34
CA HIS A 73 8.13 15.89 2.07
C HIS A 73 7.60 14.48 1.84
N LEU A 74 8.17 13.75 0.89
CA LEU A 74 7.71 12.39 0.59
C LEU A 74 7.93 11.41 1.75
N ALA A 75 8.97 11.65 2.54
CA ALA A 75 9.24 10.78 3.69
C ALA A 75 8.07 10.92 4.66
N ASP A 76 7.67 12.17 4.94
CA ASP A 76 6.55 12.45 5.83
C ASP A 76 5.26 11.86 5.26
N LEU A 77 5.13 11.98 3.93
CA LEU A 77 3.96 11.47 3.22
C LEU A 77 3.88 9.95 3.40
N VAL A 78 4.98 9.25 3.11
CA VAL A 78 5.00 7.81 3.26
C VAL A 78 4.72 7.43 4.72
N SER A 79 5.38 8.11 5.65
CA SER A 79 5.19 7.82 7.07
C SER A 79 3.73 7.90 7.48
N TYR A 80 3.07 8.97 7.05
CA TYR A 80 1.65 9.22 7.32
C TYR A 80 0.81 8.09 6.73
N SER A 81 1.21 7.67 5.53
CA SER A 81 0.54 6.61 4.80
C SER A 81 0.73 5.26 5.49
N ILE A 82 1.87 5.07 6.14
CA ILE A 82 2.08 3.82 6.87
C ILE A 82 1.03 3.76 7.97
N GLN A 83 0.86 4.87 8.70
CA GLN A 83 -0.13 4.94 9.76
C GLN A 83 -1.53 4.61 9.25
N LYS A 84 -1.87 5.13 8.07
CA LYS A 84 -3.19 4.89 7.50
C LYS A 84 -3.37 3.47 7.04
N VAL A 85 -2.33 2.83 6.52
CA VAL A 85 -2.43 1.45 6.08
C VAL A 85 -2.65 0.59 7.33
N ILE A 86 -2.00 0.94 8.44
CA ILE A 86 -2.19 0.18 9.67
C ILE A 86 -3.64 0.27 10.11
N GLY A 87 -4.20 1.48 10.06
CA GLY A 87 -5.57 1.68 10.45
C GLY A 87 -6.50 0.82 9.63
N PHE A 88 -6.19 0.69 8.33
CA PHE A 88 -7.01 -0.11 7.43
C PHE A 88 -6.91 -1.57 7.79
N ALA A 89 -5.67 -2.02 7.95
CA ALA A 89 -5.37 -3.40 8.30
C ALA A 89 -6.15 -3.86 9.53
N LYS A 90 -6.22 -3.02 10.54
CA LYS A 90 -6.92 -3.37 11.78
C LYS A 90 -8.37 -3.75 11.58
N MET A 91 -9.02 -3.17 10.58
CA MET A 91 -10.43 -3.43 10.31
C MET A 91 -10.69 -4.57 9.32
N ILE A 92 -9.65 -5.27 8.89
CA ILE A 92 -9.80 -6.39 7.96
C ILE A 92 -10.47 -7.53 8.71
N PRO A 93 -11.63 -8.00 8.24
CA PRO A 93 -12.31 -9.10 8.93
C PRO A 93 -11.40 -10.29 9.21
N GLY A 94 -11.13 -10.53 10.49
CA GLY A 94 -10.29 -11.65 10.87
C GLY A 94 -8.86 -11.30 11.29
N PHE A 95 -8.42 -10.10 10.93
CA PHE A 95 -7.06 -9.66 11.25
C PHE A 95 -6.81 -9.62 12.75
N ARG A 96 -7.87 -9.37 13.52
CA ARG A 96 -7.78 -9.28 14.97
C ARG A 96 -7.51 -10.60 15.67
N ASP A 97 -7.74 -11.70 14.96
CA ASP A 97 -7.53 -13.02 15.54
C ASP A 97 -6.09 -13.51 15.41
N LEU A 98 -5.26 -12.72 14.72
CA LEU A 98 -3.86 -13.07 14.57
C LEU A 98 -3.16 -12.53 15.82
N THR A 99 -1.96 -13.03 16.11
CA THR A 99 -1.21 -12.55 17.27
C THR A 99 -0.53 -11.23 16.92
N SER A 100 -0.10 -10.51 17.96
CA SER A 100 0.59 -9.24 17.76
C SER A 100 1.81 -9.40 16.86
N ASP A 101 2.58 -10.47 17.07
CA ASP A 101 3.78 -10.69 16.27
C ASP A 101 3.51 -10.89 14.79
N ASP A 102 2.44 -11.63 14.48
CA ASP A 102 2.08 -11.85 13.08
C ASP A 102 1.56 -10.54 12.49
N GLN A 103 0.75 -9.82 13.26
CA GLN A 103 0.22 -8.54 12.78
C GLN A 103 1.35 -7.58 12.40
N ILE A 104 2.36 -7.49 13.25
CA ILE A 104 3.53 -6.65 13.01
C ILE A 104 4.27 -7.12 11.77
N VAL A 105 4.51 -8.43 11.70
CA VAL A 105 5.21 -9.02 10.56
C VAL A 105 4.50 -8.75 9.24
N LEU A 106 3.18 -8.91 9.21
CA LEU A 106 2.41 -8.68 7.99
C LEU A 106 2.45 -7.23 7.52
N LEU A 107 2.35 -6.31 8.47
CA LEU A 107 2.35 -4.89 8.16
C LEU A 107 3.72 -4.39 7.77
N LYS A 108 4.75 -4.89 8.46
CA LYS A 108 6.11 -4.47 8.14
C LYS A 108 6.43 -4.77 6.68
N SER A 109 6.08 -5.97 6.24
CA SER A 109 6.35 -6.39 4.87
C SER A 109 5.39 -5.83 3.83
N SER A 110 4.11 -5.69 4.20
CA SER A 110 3.10 -5.20 3.25
C SER A 110 2.92 -3.70 3.11
N ALA A 111 3.33 -2.94 4.12
CA ALA A 111 3.14 -1.49 4.09
C ALA A 111 3.47 -0.83 2.76
N ILE A 112 4.72 -0.90 2.34
CA ILE A 112 5.11 -0.26 1.08
C ILE A 112 4.22 -0.69 -0.09
N GLU A 113 3.94 -1.99 -0.18
CA GLU A 113 3.11 -2.48 -1.27
C GLU A 113 1.71 -1.88 -1.22
N VAL A 114 1.11 -1.83 -0.02
CA VAL A 114 -0.23 -1.29 0.11
C VAL A 114 -0.26 0.20 -0.19
N ILE A 115 0.80 0.91 0.17
CA ILE A 115 0.86 2.34 -0.12
C ILE A 115 0.90 2.54 -1.65
N MET A 116 1.68 1.70 -2.33
CA MET A 116 1.78 1.77 -3.78
C MET A 116 0.40 1.49 -4.38
N LEU A 117 -0.32 0.54 -3.79
CA LEU A 117 -1.65 0.18 -4.26
C LEU A 117 -2.69 1.27 -4.04
N ARG A 118 -2.76 1.78 -2.81
CA ARG A 118 -3.74 2.81 -2.49
C ARG A 118 -3.46 4.08 -3.29
N SER A 119 -2.22 4.26 -3.71
CA SER A 119 -1.87 5.45 -4.46
C SER A 119 -2.49 5.46 -5.88
N ASN A 120 -2.92 4.30 -6.36
CA ASN A 120 -3.51 4.22 -7.68
C ASN A 120 -4.72 5.16 -7.77
N GLN A 121 -5.35 5.43 -6.63
CA GLN A 121 -6.52 6.30 -6.60
C GLN A 121 -6.23 7.76 -6.96
N SER A 122 -5.00 8.22 -6.70
CA SER A 122 -4.63 9.60 -7.02
C SER A 122 -3.81 9.66 -8.31
N PHE A 123 -3.37 8.50 -8.78
CA PHE A 123 -2.58 8.44 -10.01
C PHE A 123 -3.46 8.64 -11.25
N THR A 124 -3.09 9.61 -12.08
CA THR A 124 -3.82 9.87 -13.33
C THR A 124 -2.93 9.61 -14.54
N MET A 125 -3.48 8.93 -15.54
CA MET A 125 -2.71 8.62 -16.74
C MET A 125 -2.64 9.78 -17.72
N ASP A 126 -3.33 10.87 -17.41
CA ASP A 126 -3.32 12.03 -18.28
C ASP A 126 -1.92 12.62 -18.39
N ASP A 127 -1.23 12.72 -17.26
CA ASP A 127 0.13 13.25 -17.24
C ASP A 127 1.05 12.40 -16.38
N MET A 128 0.71 11.11 -16.28
CA MET A 128 1.49 10.14 -15.51
C MET A 128 1.98 10.70 -14.17
N SER A 129 1.06 11.06 -13.29
CA SER A 129 1.47 11.59 -12.00
C SER A 129 0.41 11.34 -10.92
N TRP A 130 0.81 11.52 -9.67
CA TRP A 130 -0.09 11.35 -8.54
C TRP A 130 -0.63 12.72 -8.20
N ASP A 131 -1.85 12.99 -8.66
CA ASP A 131 -2.47 14.27 -8.41
C ASP A 131 -3.23 14.22 -7.09
N CYS A 132 -2.60 14.73 -6.04
CA CYS A 132 -3.23 14.73 -4.72
C CYS A 132 -3.91 16.05 -4.37
N GLY A 133 -4.88 16.44 -5.21
CA GLY A 133 -5.66 17.64 -4.98
C GLY A 133 -5.14 19.03 -5.36
N SER A 134 -3.83 19.20 -5.53
CA SER A 134 -3.30 20.51 -5.88
C SER A 134 -1.87 20.49 -6.38
N GLN A 135 -1.53 21.52 -7.16
CA GLN A 135 -0.20 21.65 -7.75
C GLN A 135 0.93 21.18 -6.84
N ASP A 136 0.99 21.77 -5.65
CA ASP A 136 2.04 21.42 -4.69
C ASP A 136 2.07 19.93 -4.39
N TYR A 137 0.87 19.35 -4.28
CA TYR A 137 0.72 17.93 -3.97
C TYR A 137 0.42 17.07 -5.20
N LYS A 138 1.08 17.40 -6.31
CA LYS A 138 0.92 16.66 -7.55
C LYS A 138 2.33 16.20 -7.90
N TYR A 139 2.59 14.92 -7.69
CA TYR A 139 3.92 14.38 -7.92
C TYR A 139 4.07 13.58 -9.21
N ASP A 140 5.12 13.88 -9.96
CA ASP A 140 5.41 13.20 -11.20
C ASP A 140 6.72 12.43 -11.14
N VAL A 141 7.16 11.90 -12.28
CA VAL A 141 8.39 11.13 -12.31
C VAL A 141 9.59 11.84 -11.70
N THR A 142 9.74 13.13 -12.01
CA THR A 142 10.87 13.88 -11.51
C THR A 142 10.81 14.23 -10.03
N ASP A 143 9.60 14.45 -9.53
CA ASP A 143 9.46 14.76 -8.10
C ASP A 143 9.77 13.50 -7.32
N VAL A 144 9.12 12.42 -7.71
CA VAL A 144 9.28 11.13 -7.05
C VAL A 144 10.70 10.58 -7.20
N SER A 145 11.48 11.18 -8.10
CA SER A 145 12.86 10.76 -8.29
C SER A 145 13.82 11.61 -7.47
N LYS A 146 13.29 12.66 -6.84
CA LYS A 146 14.10 13.56 -6.02
C LYS A 146 13.99 13.21 -4.53
N ALA A 147 14.08 11.92 -4.22
CA ALA A 147 13.98 11.46 -2.83
C ALA A 147 14.88 10.26 -2.49
N GLY A 148 15.97 10.08 -3.24
CA GLY A 148 16.90 9.01 -2.94
C GLY A 148 16.67 7.66 -3.58
N HIS A 149 15.66 7.55 -4.44
CA HIS A 149 15.35 6.31 -5.12
C HIS A 149 15.54 6.51 -6.62
N THR A 150 16.13 5.51 -7.29
CA THR A 150 16.43 5.58 -8.73
C THR A 150 15.32 5.03 -9.62
N LEU A 151 15.47 5.21 -10.93
CA LEU A 151 14.48 4.71 -11.89
C LEU A 151 14.39 3.20 -11.87
N GLU A 152 15.31 2.56 -11.18
CA GLU A 152 15.30 1.10 -11.06
C GLU A 152 13.97 0.79 -10.36
N LEU A 153 13.53 1.72 -9.51
CA LEU A 153 12.27 1.57 -8.78
C LEU A 153 11.14 2.35 -9.43
N ILE A 154 11.36 3.64 -9.65
CA ILE A 154 10.33 4.50 -10.22
C ILE A 154 9.72 4.09 -11.56
N GLU A 155 10.55 3.63 -12.50
CA GLU A 155 10.01 3.24 -13.79
C GLU A 155 9.00 2.10 -13.58
N PRO A 156 9.44 1.01 -12.92
CA PRO A 156 8.54 -0.11 -12.68
C PRO A 156 7.31 0.30 -11.85
N LEU A 157 7.47 1.32 -11.00
CA LEU A 157 6.35 1.76 -10.18
C LEU A 157 5.26 2.41 -11.02
N ILE A 158 5.67 3.26 -11.96
CA ILE A 158 4.71 3.95 -12.82
C ILE A 158 4.03 2.93 -13.73
N LYS A 159 4.82 2.04 -14.31
CA LYS A 159 4.29 1.01 -15.18
C LYS A 159 3.17 0.28 -14.42
N PHE A 160 3.43 -0.06 -13.16
CA PHE A 160 2.46 -0.75 -12.31
C PHE A 160 1.18 0.07 -12.20
N GLN A 161 1.34 1.35 -11.88
CA GLN A 161 0.22 2.27 -11.72
C GLN A 161 -0.63 2.26 -13.00
N VAL A 162 0.03 2.35 -14.13
CA VAL A 162 -0.67 2.35 -15.42
C VAL A 162 -1.49 1.06 -15.64
N GLY A 163 -0.85 -0.08 -15.43
CA GLY A 163 -1.55 -1.35 -15.62
C GLY A 163 -2.68 -1.59 -14.64
N LEU A 164 -2.49 -1.19 -13.39
CA LEU A 164 -3.51 -1.35 -12.39
C LEU A 164 -4.69 -0.47 -12.77
N LYS A 165 -4.37 0.75 -13.19
CA LYS A 165 -5.37 1.73 -13.59
C LYS A 165 -6.18 1.19 -14.75
N LYS A 166 -5.51 0.44 -15.64
CA LYS A 166 -6.13 -0.15 -16.81
C LYS A 166 -7.02 -1.35 -16.52
N LEU A 167 -7.10 -1.75 -15.25
CA LEU A 167 -7.95 -2.88 -14.88
C LEU A 167 -9.32 -2.35 -14.49
N ASN A 168 -9.40 -1.03 -14.27
CA ASN A 168 -10.63 -0.36 -13.89
C ASN A 168 -11.42 -1.13 -12.83
N LEU A 169 -10.75 -1.43 -11.72
CA LEU A 169 -11.37 -2.18 -10.64
C LEU A 169 -12.49 -1.41 -9.99
N HIS A 170 -13.48 -2.13 -9.47
CA HIS A 170 -14.58 -1.53 -8.74
C HIS A 170 -13.89 -1.15 -7.44
N GLU A 171 -14.41 -0.16 -6.72
CA GLU A 171 -13.77 0.19 -5.47
C GLU A 171 -13.77 -1.05 -4.58
N GLU A 172 -14.82 -1.87 -4.73
CA GLU A 172 -14.96 -3.11 -3.97
C GLU A 172 -13.73 -4.01 -4.15
N GLU A 173 -13.34 -4.16 -5.41
CA GLU A 173 -12.20 -4.99 -5.78
C GLU A 173 -10.89 -4.37 -5.28
N HIS A 174 -10.82 -3.04 -5.28
CA HIS A 174 -9.61 -2.34 -4.83
C HIS A 174 -9.31 -2.62 -3.36
N VAL A 175 -10.34 -2.52 -2.51
CA VAL A 175 -10.15 -2.73 -1.08
C VAL A 175 -9.91 -4.20 -0.72
N LEU A 176 -10.48 -5.11 -1.51
CA LEU A 176 -10.27 -6.54 -1.28
C LEU A 176 -8.80 -6.89 -1.63
N LEU A 177 -8.27 -6.23 -2.65
CA LEU A 177 -6.88 -6.49 -3.06
C LEU A 177 -5.92 -6.02 -1.98
N MET A 178 -6.14 -4.81 -1.47
CA MET A 178 -5.26 -4.31 -0.41
C MET A 178 -5.31 -5.24 0.81
N ALA A 179 -6.51 -5.69 1.14
CA ALA A 179 -6.70 -6.59 2.28
C ALA A 179 -5.98 -7.92 2.02
N ILE A 180 -6.15 -8.45 0.82
CA ILE A 180 -5.50 -9.71 0.44
C ILE A 180 -3.98 -9.51 0.48
N CYS A 181 -3.54 -8.34 0.02
CA CYS A 181 -2.12 -8.02 0.00
C CYS A 181 -1.49 -8.04 1.40
N ILE A 182 -2.22 -7.50 2.37
CA ILE A 182 -1.73 -7.45 3.74
C ILE A 182 -1.65 -8.84 4.39
N VAL A 183 -2.73 -9.60 4.29
CA VAL A 183 -2.77 -10.93 4.90
C VAL A 183 -2.23 -12.04 4.00
N SER A 184 -0.94 -11.95 3.65
CA SER A 184 -0.28 -12.96 2.82
C SER A 184 0.55 -13.87 3.72
N PRO A 185 0.25 -15.18 3.72
CA PRO A 185 0.96 -16.18 4.54
C PRO A 185 2.45 -16.41 4.27
N ASP A 186 2.95 -15.98 3.11
CA ASP A 186 4.35 -16.19 2.80
C ASP A 186 5.27 -15.02 3.12
N ARG A 187 4.78 -14.05 3.87
CA ARG A 187 5.60 -12.91 4.24
C ARG A 187 6.71 -13.38 5.16
N PRO A 188 7.88 -12.71 5.15
CA PRO A 188 9.00 -13.11 6.02
C PRO A 188 8.65 -13.05 7.50
N GLY A 189 8.93 -14.15 8.21
CA GLY A 189 8.68 -14.17 9.65
C GLY A 189 7.29 -14.57 10.11
N VAL A 190 6.38 -14.86 9.20
CA VAL A 190 5.04 -15.26 9.61
C VAL A 190 5.13 -16.51 10.46
N GLN A 191 4.28 -16.58 11.49
CA GLN A 191 4.25 -17.72 12.39
C GLN A 191 3.08 -18.62 12.03
N ASP A 192 1.90 -18.30 12.55
CA ASP A 192 0.70 -19.10 12.28
C ASP A 192 0.21 -18.88 10.84
N ALA A 193 1.03 -19.23 9.88
CA ALA A 193 0.71 -19.07 8.47
C ALA A 193 -0.61 -19.74 8.07
N LYS A 194 -0.94 -20.85 8.74
CA LYS A 194 -2.18 -21.55 8.44
C LYS A 194 -3.35 -20.61 8.71
N LEU A 195 -3.25 -19.83 9.77
CA LEU A 195 -4.31 -18.89 10.12
C LEU A 195 -4.31 -17.73 9.12
N VAL A 196 -3.13 -17.20 8.82
CA VAL A 196 -3.00 -16.10 7.88
C VAL A 196 -3.65 -16.53 6.57
N GLU A 197 -3.35 -17.75 6.14
CA GLU A 197 -3.89 -18.29 4.91
C GLU A 197 -5.41 -18.40 4.98
N ALA A 198 -5.93 -19.00 6.05
CA ALA A 198 -7.36 -19.14 6.19
C ALA A 198 -8.02 -17.76 6.03
N ILE A 199 -7.52 -16.78 6.79
CA ILE A 199 -8.05 -15.42 6.73
C ILE A 199 -8.03 -14.87 5.30
N GLN A 200 -6.91 -15.07 4.62
CA GLN A 200 -6.77 -14.58 3.24
C GLN A 200 -7.75 -15.26 2.32
N ASP A 201 -7.80 -16.59 2.37
CA ASP A 201 -8.70 -17.37 1.53
C ASP A 201 -10.13 -16.84 1.59
N ARG A 202 -10.55 -16.40 2.78
CA ARG A 202 -11.89 -15.86 2.95
C ARG A 202 -12.07 -14.59 2.11
N LEU A 203 -11.05 -13.75 2.11
CA LEU A 203 -11.07 -12.51 1.35
C LEU A 203 -10.94 -12.85 -0.13
N SER A 204 -10.01 -13.75 -0.44
CA SER A 204 -9.76 -14.18 -1.81
C SER A 204 -11.01 -14.82 -2.41
N ASN A 205 -11.71 -15.63 -1.61
CA ASN A 205 -12.91 -16.28 -2.07
C ASN A 205 -14.04 -15.28 -2.24
N THR A 206 -13.99 -14.20 -1.47
CA THR A 206 -15.01 -13.17 -1.56
C THR A 206 -14.78 -12.38 -2.85
N LEU A 207 -13.52 -12.18 -3.20
CA LEU A 207 -13.17 -11.45 -4.40
C LEU A 207 -13.56 -12.20 -5.67
N GLN A 208 -13.08 -13.44 -5.79
CA GLN A 208 -13.39 -14.26 -6.95
C GLN A 208 -14.89 -14.27 -7.20
N THR A 209 -15.65 -14.34 -6.12
CA THR A 209 -17.10 -14.36 -6.21
C THR A 209 -17.64 -12.99 -6.63
N TYR A 210 -17.14 -11.92 -6.04
CA TYR A 210 -17.61 -10.59 -6.38
C TYR A 210 -17.45 -10.30 -7.86
N ILE A 211 -16.31 -10.70 -8.42
CA ILE A 211 -16.04 -10.50 -9.84
C ILE A 211 -17.11 -11.24 -10.67
N ARG A 212 -17.30 -12.52 -10.35
CA ARG A 212 -18.27 -13.35 -11.06
C ARG A 212 -19.71 -12.85 -11.01
N CYS A 213 -20.10 -12.17 -9.93
CA CYS A 213 -21.47 -11.71 -9.82
C CYS A 213 -21.70 -10.21 -9.95
N ARG A 214 -20.66 -9.41 -9.74
CA ARG A 214 -20.82 -7.96 -9.81
C ARG A 214 -20.01 -7.25 -10.90
N HIS A 215 -19.02 -7.93 -11.46
CA HIS A 215 -18.22 -7.32 -12.52
C HIS A 215 -18.62 -7.99 -13.83
N PRO A 216 -19.32 -7.26 -14.69
CA PRO A 216 -19.77 -7.79 -15.98
C PRO A 216 -18.65 -7.91 -17.00
N PRO A 217 -18.84 -8.78 -18.01
CA PRO A 217 -17.81 -8.96 -19.04
C PRO A 217 -17.89 -7.71 -19.94
N PRO A 218 -16.83 -7.42 -20.70
CA PRO A 218 -15.57 -8.16 -20.78
C PRO A 218 -14.56 -7.78 -19.68
N GLY A 219 -14.83 -6.67 -18.99
CA GLY A 219 -13.94 -6.22 -17.93
C GLY A 219 -13.62 -7.29 -16.89
N SER A 220 -14.50 -8.27 -16.75
CA SER A 220 -14.33 -9.36 -15.79
C SER A 220 -13.38 -10.45 -16.30
N HIS A 221 -13.13 -10.43 -17.61
CA HIS A 221 -12.26 -11.40 -18.27
C HIS A 221 -10.93 -11.58 -17.58
N GLN A 222 -10.76 -12.74 -16.95
CA GLN A 222 -9.53 -13.07 -16.23
C GLN A 222 -9.10 -11.93 -15.31
N LEU A 223 -10.07 -11.27 -14.69
CA LEU A 223 -9.77 -10.16 -13.81
C LEU A 223 -9.03 -10.59 -12.55
N TYR A 224 -9.39 -11.74 -12.01
CA TYR A 224 -8.74 -12.27 -10.81
C TYR A 224 -7.27 -12.58 -11.04
N ALA A 225 -6.99 -13.31 -12.11
CA ALA A 225 -5.60 -13.64 -12.42
C ALA A 225 -4.82 -12.35 -12.59
N LYS A 226 -5.43 -11.38 -13.28
CA LYS A 226 -4.78 -10.09 -13.51
C LYS A 226 -4.50 -9.38 -12.18
N MET A 227 -5.42 -9.48 -11.24
CA MET A 227 -5.24 -8.82 -9.95
C MET A 227 -4.18 -9.54 -9.10
N ILE A 228 -4.11 -10.86 -9.21
CA ILE A 228 -3.11 -11.61 -8.46
C ILE A 228 -1.75 -11.31 -9.04
N GLN A 229 -1.67 -11.18 -10.36
CA GLN A 229 -0.40 -10.89 -10.98
C GLN A 229 0.12 -9.58 -10.39
N LYS A 230 -0.78 -8.61 -10.17
CA LYS A 230 -0.38 -7.34 -9.60
C LYS A 230 0.25 -7.54 -8.22
N LEU A 231 -0.21 -8.56 -7.49
CA LEU A 231 0.34 -8.84 -6.17
C LEU A 231 1.79 -9.31 -6.32
N ALA A 232 2.07 -10.02 -7.41
CA ALA A 232 3.43 -10.49 -7.66
C ALA A 232 4.27 -9.27 -8.06
N ASP A 233 3.67 -8.35 -8.81
CA ASP A 233 4.36 -7.14 -9.24
C ASP A 233 4.78 -6.34 -8.02
N LEU A 234 3.88 -6.29 -7.04
CA LEU A 234 4.15 -5.58 -5.79
C LEU A 234 5.32 -6.20 -5.03
N ARG A 235 5.40 -7.53 -5.05
CA ARG A 235 6.49 -8.20 -4.38
C ARG A 235 7.81 -7.75 -4.98
N SER A 236 7.80 -7.62 -6.31
CA SER A 236 8.98 -7.19 -7.04
C SER A 236 9.32 -5.74 -6.67
N LEU A 237 8.31 -4.88 -6.63
CA LEU A 237 8.53 -3.49 -6.28
C LEU A 237 9.03 -3.41 -4.83
N ASN A 238 8.46 -4.24 -3.97
CA ASN A 238 8.87 -4.28 -2.57
C ASN A 238 10.36 -4.62 -2.50
N GLU A 239 10.75 -5.69 -3.17
CA GLU A 239 12.15 -6.11 -3.18
C GLU A 239 13.09 -5.00 -3.60
N GLU A 240 12.77 -4.35 -4.71
CA GLU A 240 13.61 -3.28 -5.19
C GLU A 240 13.61 -2.13 -4.19
N HIS A 241 12.44 -1.82 -3.62
CA HIS A 241 12.36 -0.72 -2.65
C HIS A 241 13.31 -0.97 -1.48
N SER A 242 13.39 -2.23 -1.06
CA SER A 242 14.27 -2.58 0.04
C SER A 242 15.71 -2.18 -0.31
N LYS A 243 16.21 -2.66 -1.44
CA LYS A 243 17.58 -2.31 -1.84
C LYS A 243 17.77 -0.80 -1.86
N GLN A 244 16.86 -0.09 -2.50
CA GLN A 244 16.92 1.36 -2.58
C GLN A 244 16.96 1.99 -1.18
N TYR A 245 16.28 1.34 -0.24
CA TYR A 245 16.22 1.83 1.14
C TYR A 245 17.54 1.63 1.87
N ARG A 246 18.06 0.40 1.86
CA ARG A 246 19.33 0.12 2.51
C ARG A 246 20.36 1.15 2.02
N SER A 247 20.32 1.43 0.72
CA SER A 247 21.24 2.38 0.11
C SER A 247 21.03 3.78 0.69
N LEU A 248 19.83 4.33 0.48
CA LEU A 248 19.51 5.66 0.97
C LEU A 248 19.81 5.78 2.47
N SER A 249 19.43 4.76 3.22
CA SER A 249 19.63 4.76 4.66
C SER A 249 21.03 4.35 5.10
N PHE A 250 21.98 4.29 4.17
CA PHE A 250 23.34 3.93 4.53
C PHE A 250 24.05 5.14 5.09
N GLN A 251 23.74 6.31 4.53
CA GLN A 251 24.33 7.55 4.99
C GLN A 251 23.48 8.13 6.13
N PRO A 252 23.98 8.07 7.38
CA PRO A 252 23.26 8.59 8.54
C PRO A 252 22.74 9.99 8.28
N GLU A 253 23.42 10.70 7.39
CA GLU A 253 23.04 12.05 7.02
C GLU A 253 21.67 12.05 6.33
N ASN A 254 21.35 10.95 5.65
CA ASN A 254 20.08 10.81 4.95
C ASN A 254 18.99 10.18 5.82
N SER A 255 19.38 9.25 6.70
CA SER A 255 18.43 8.59 7.59
C SER A 255 17.83 9.65 8.51
N MET A 256 18.49 10.80 8.56
CA MET A 256 18.06 11.92 9.38
C MET A 256 16.81 12.59 8.81
N LYS A 257 16.68 12.59 7.49
CA LYS A 257 15.54 13.24 6.85
C LYS A 257 14.26 12.41 6.96
N LEU A 258 14.40 11.15 7.38
CA LEU A 258 13.26 10.26 7.50
C LEU A 258 12.54 10.42 8.84
N THR A 259 11.44 9.71 9.02
CA THR A 259 10.69 9.77 10.27
C THR A 259 10.96 8.53 11.11
N PRO A 260 10.66 8.59 12.42
CA PRO A 260 10.90 7.43 13.28
C PRO A 260 10.12 6.19 12.82
N LEU A 261 8.86 6.38 12.43
CA LEU A 261 8.05 5.26 11.98
C LEU A 261 8.65 4.58 10.75
N VAL A 262 9.06 5.40 9.79
CA VAL A 262 9.68 4.90 8.56
C VAL A 262 10.93 4.07 8.90
N LEU A 263 11.78 4.61 9.78
CA LEU A 263 13.00 3.90 10.16
C LEU A 263 12.70 2.55 10.80
N GLU A 264 11.71 2.52 11.68
CA GLU A 264 11.35 1.28 12.36
C GLU A 264 10.77 0.26 11.38
N VAL A 265 9.83 0.71 10.55
CA VAL A 265 9.18 -0.17 9.57
C VAL A 265 10.09 -0.64 8.42
N PHE A 266 10.75 0.30 7.76
CA PHE A 266 11.64 -0.03 6.65
C PHE A 266 13.03 -0.48 7.07
N GLY A 267 13.60 0.19 8.08
CA GLY A 267 14.94 -0.19 8.52
C GLY A 267 15.69 0.89 9.29
N ASN A 268 16.02 0.58 10.54
CA ASN A 268 16.74 1.49 11.42
C ASN A 268 18.07 0.87 11.88
N LYS B 1 10.52 -8.08 15.48
CA LYS B 1 11.87 -7.75 16.04
C LYS B 1 11.85 -6.43 16.80
N ASN B 2 10.90 -6.32 17.73
CA ASN B 2 10.77 -5.11 18.53
C ASN B 2 10.50 -3.87 17.67
N HIS B 3 9.21 -3.66 17.41
CA HIS B 3 8.75 -2.52 16.63
C HIS B 3 7.74 -1.82 17.52
N PRO B 4 8.22 -1.06 18.51
CA PRO B 4 7.42 -0.31 19.48
C PRO B 4 6.28 0.49 18.86
N MET B 5 6.63 1.30 17.87
CA MET B 5 5.67 2.15 17.18
C MET B 5 4.63 1.34 16.40
N LEU B 6 5.10 0.38 15.62
CA LEU B 6 4.21 -0.47 14.82
C LEU B 6 3.31 -1.25 15.79
N MET B 7 3.92 -1.73 16.86
CA MET B 7 3.25 -2.49 17.91
C MET B 7 2.15 -1.63 18.55
N ASN B 8 2.48 -0.40 18.90
CA ASN B 8 1.54 0.51 19.54
C ASN B 8 0.39 0.96 18.62
N LEU B 9 0.66 1.07 17.33
CA LEU B 9 -0.36 1.49 16.37
C LEU B 9 -1.33 0.37 16.05
N LEU B 10 -0.87 -0.87 16.21
CA LEU B 10 -1.71 -2.04 15.93
C LEU B 10 -2.55 -2.48 17.12
N LYS B 11 -2.13 -2.09 18.32
CA LYS B 11 -2.83 -2.46 19.55
C LYS B 11 -4.31 -2.07 19.48
C2 3KL C . 9.82 8.21 -0.55
C3 3KL C . 10.18 6.83 0.16
O3 3KL C . 10.97 6.76 1.12
C4 3KL C . 9.37 5.55 -0.52
C5 3KL C . 9.61 5.41 -2.18
C6 3KL C . 8.70 4.25 -2.89
C1 3KL C . 10.10 8.09 -2.11
C7 3KL C . 7.11 4.58 -2.74
C8 3KL C . 6.72 5.98 -3.39
C9 3KL C . 7.70 7.17 -2.79
C10 3KL C . 9.31 6.88 -2.87
C11 3KL C . 7.22 8.56 -3.31
C12 3KL C . 5.71 8.91 -3.04
C13 3KL C . 4.72 7.80 -3.58
C14 3KL C . 5.21 6.37 -3.07
C15 3KL C . 4.08 5.41 -3.69
C16 3KL C . 2.90 6.14 -3.14
C17 3KL C . 3.24 7.71 -3.01
C18 3KL C . 4.76 7.89 -5.25
C19 3KL C . 9.83 6.96 -4.26
C20 3KL C . 2.09 8.63 -3.73
C21 3KL C . 2.45 10.20 -3.59
C22 3KL C . 0.78 8.32 -3.02
C23 3KL C . -0.52 9.01 -3.49
C24 3KL C . -1.75 8.57 -2.73
OT1 3KL C . -2.84 8.73 -3.28
OT2 3KL C . -1.63 7.99 -1.59
#